data_7WPL
#
_entry.id   7WPL
#
_cell.length_a   59.657
_cell.length_b   69.251
_cell.length_c   118.033
_cell.angle_alpha   90.000
_cell.angle_beta   90.000
_cell.angle_gamma   90.000
#
_symmetry.space_group_name_H-M   'P 21 21 21'
#
loop_
_entity.id
_entity.type
_entity.pdbx_description
1 polymer 'Methionine--tRNA ligase'
2 non-polymer "ADENOSINE-5'-TRIPHOSPHATE"
3 non-polymer 1,2-ETHANEDIOL
4 water water
#
_entity_poly.entity_id   1
_entity_poly.type   'polypeptide(L)'
_entity_poly.pdbx_seq_one_letter_code
;MGSSHHHHHHSAKETFYITTPIYYPSGNLHIGHAYSTVAGDVIARYKRMQGYDVRYLTGTDEHGQKIQEKAQKAGKTEIE
YLDEMIAGIKQLWAKLEISNDDFIRTTEERHKHVVEQVFERLLKQGDIYLGEYEGWYSVPDETYYTESQLVDPQYENGKI
IGGKSPDSGHEVELVKEESYFFNISKYTDRLLEFYDQNPDFIQPPSRKNEMINNFIKPGLADLAVSRTSFNWGVHVPSNP
KHVVYVWIDALVNYISALGYLSDDESLFNKYWPADIHLMAKEIVRFHSIIWPILLMALDLPLPKKVFAHGWILMKDGKMS
KSKGNVVDPNILIDRYGLDATRYYLMRELPFGSDGVFTPEAFVERTNFDLANDLGNLVNRTISMVNKYFDGELPAYQGPL
HELDEEMEAMALETVKSYTESMESLQFSVALSTVWKFISRTNKYIDETTPWVLAKDDSQKDMLGNVMAHLVENIRYAAVL
LRPFLTHAPKEIFEQLNINNPQFMEFSSLEQYGVLNESIMVTGQPKPIFP
;
_entity_poly.pdbx_strand_id   A
#
loop_
_chem_comp.id
_chem_comp.type
_chem_comp.name
_chem_comp.formula
ATP non-polymer ADENOSINE-5'-TRIPHOSPHATE 'C10 H16 N5 O13 P3'
EDO non-polymer 1,2-ETHANEDIOL 'C2 H6 O2'
#
# COMPACT_ATOMS: atom_id res chain seq x y z
N LYS A 13 -2.72 -20.77 -12.44
CA LYS A 13 -3.20 -19.84 -11.37
C LYS A 13 -3.49 -18.44 -11.93
N GLU A 14 -4.53 -17.80 -11.38
CA GLU A 14 -4.87 -16.43 -11.77
C GLU A 14 -3.79 -15.45 -11.32
N THR A 15 -3.62 -14.38 -12.10
CA THR A 15 -2.60 -13.38 -11.84
C THR A 15 -3.17 -12.18 -11.08
N PHE A 16 -2.30 -11.50 -10.34
CA PHE A 16 -2.63 -10.27 -9.65
C PHE A 16 -1.43 -9.33 -9.70
N TYR A 17 -1.67 -8.08 -10.10
CA TYR A 17 -0.61 -7.08 -10.22
C TYR A 17 -1.00 -5.81 -9.48
N ILE A 18 -0.16 -5.42 -8.53
CA ILE A 18 -0.38 -4.22 -7.69
C ILE A 18 0.88 -3.36 -7.69
N THR A 19 0.69 -2.04 -7.73
CA THR A 19 1.79 -1.07 -7.72
C THR A 19 1.58 0.01 -6.66
N THR A 20 2.69 0.53 -6.16
CA THR A 20 2.72 1.78 -5.41
C THR A 20 3.07 2.87 -6.40
N PRO A 21 3.00 4.15 -5.99
CA PRO A 21 3.59 5.17 -6.84
C PRO A 21 5.12 5.13 -6.72
N ILE A 22 5.81 5.47 -7.79
CA ILE A 22 7.27 5.60 -7.72
C ILE A 22 7.60 6.92 -7.02
N TYR A 23 8.28 6.83 -5.88
CA TYR A 23 8.45 7.98 -4.99
C TYR A 23 9.61 8.86 -5.45
N TYR A 24 9.48 10.15 -5.21
CA TYR A 24 10.44 11.14 -5.67
C TYR A 24 11.54 11.28 -4.62
N PRO A 25 12.78 10.82 -4.90
CA PRO A 25 13.80 10.88 -3.84
C PRO A 25 14.42 12.28 -3.62
N SER A 26 13.56 13.24 -3.27
CA SER A 26 13.94 14.62 -2.93
C SER A 26 14.37 14.77 -1.47
N GLY A 27 14.21 13.71 -0.69
CA GLY A 27 14.60 13.69 0.72
C GLY A 27 14.41 12.28 1.25
N ASN A 28 14.45 12.13 2.57
CA ASN A 28 14.19 10.85 3.21
C ASN A 28 12.69 10.54 3.18
N LEU A 29 12.37 9.25 3.03
CA LEU A 29 10.98 8.78 3.06
C LEU A 29 10.46 8.75 4.49
N HIS A 30 9.32 9.42 4.70
CA HIS A 30 8.61 9.44 5.98
C HIS A 30 7.53 8.35 6.04
N ILE A 31 6.77 8.32 7.14
CA ILE A 31 5.77 7.24 7.39
C ILE A 31 4.56 7.18 6.45
N GLY A 32 4.23 8.30 5.82
CA GLY A 32 3.23 8.33 4.73
C GLY A 32 3.61 7.45 3.55
N HIS A 33 4.89 7.50 3.16
CA HIS A 33 5.44 6.59 2.14
C HIS A 33 5.45 5.15 2.64
N ALA A 34 5.79 4.98 3.92
CA ALA A 34 5.73 3.68 4.58
C ALA A 34 4.32 3.08 4.59
N TYR A 35 3.30 3.91 4.85
CA TYR A 35 1.91 3.45 4.81
C TYR A 35 1.56 2.87 3.44
N SER A 36 1.86 3.64 2.40
CA SER A 36 1.61 3.24 1.01
C SER A 36 2.27 1.91 0.64
N THR A 37 3.56 1.78 0.97
CA THR A 37 4.33 0.58 0.63
C THR A 37 3.97 -0.63 1.51
N VAL A 38 3.64 -0.39 2.77
CA VAL A 38 3.14 -1.45 3.66
C VAL A 38 1.73 -1.90 3.24
N ALA A 39 0.88 -0.95 2.86
CA ALA A 39 -0.49 -1.26 2.42
C ALA A 39 -0.50 -2.15 1.18
N GLY A 40 0.31 -1.79 0.20
CA GLY A 40 0.50 -2.61 -1.01
C GLY A 40 1.12 -3.96 -0.72
N ASP A 41 2.01 -4.01 0.27
CA ASP A 41 2.61 -5.27 0.72
C ASP A 41 1.58 -6.18 1.40
N VAL A 42 0.71 -5.60 2.22
CA VAL A 42 -0.38 -6.35 2.87
C VAL A 42 -1.24 -7.06 1.83
N ILE A 43 -1.63 -6.33 0.78
CA ILE A 43 -2.43 -6.91 -0.31
C ILE A 43 -1.67 -7.97 -1.11
N ALA A 44 -0.40 -7.70 -1.40
CA ALA A 44 0.46 -8.65 -2.11
C ALA A 44 0.50 -10.00 -1.38
N ARG A 45 0.83 -9.95 -0.10
CA ARG A 45 0.86 -11.14 0.77
C ARG A 45 -0.50 -11.82 0.88
N TYR A 46 -1.54 -11.01 1.08
CA TYR A 46 -2.94 -11.47 1.12
C TYR A 46 -3.34 -12.22 -0.15
N LYS A 47 -2.97 -11.68 -1.31
CA LYS A 47 -3.30 -12.30 -2.59
C LYS A 47 -2.50 -13.58 -2.85
N ARG A 48 -1.23 -13.59 -2.46
CA ARG A 48 -0.40 -14.81 -2.52
C ARG A 48 -1.00 -15.94 -1.68
N MET A 49 -1.50 -15.59 -0.49
CA MET A 49 -2.17 -16.55 0.39
C MET A 49 -3.50 -17.08 -0.16
N GLN A 50 -4.22 -16.25 -0.92
CA GLN A 50 -5.44 -16.68 -1.62
C GLN A 50 -5.19 -17.62 -2.81
N GLY A 51 -3.94 -17.70 -3.27
CA GLY A 51 -3.54 -18.58 -4.38
C GLY A 51 -3.32 -17.89 -5.71
N TYR A 52 -3.17 -16.57 -5.70
CA TYR A 52 -2.87 -15.81 -6.93
C TYR A 52 -1.38 -15.77 -7.22
N ASP A 53 -1.06 -15.67 -8.50
CA ASP A 53 0.30 -15.39 -8.96
C ASP A 53 0.49 -13.88 -8.88
N VAL A 54 1.22 -13.42 -7.87
CA VAL A 54 1.33 -11.99 -7.56
C VAL A 54 2.63 -11.40 -8.10
N ARG A 55 2.53 -10.18 -8.63
CA ARG A 55 3.67 -9.30 -8.83
C ARG A 55 3.38 -7.97 -8.13
N TYR A 56 4.32 -7.53 -7.31
CA TYR A 56 4.19 -6.28 -6.55
C TYR A 56 5.40 -5.41 -6.86
N LEU A 57 5.15 -4.21 -7.40
CA LEU A 57 6.20 -3.29 -7.84
C LEU A 57 6.19 -2.00 -7.02
N THR A 58 7.37 -1.50 -6.69
CA THR A 58 7.56 -0.14 -6.19
C THR A 58 8.80 0.45 -6.87
N GLY A 59 9.07 1.73 -6.63
CA GLY A 59 10.24 2.35 -7.24
C GLY A 59 10.47 3.83 -6.97
N THR A 60 11.31 4.44 -7.80
CA THR A 60 11.77 5.81 -7.62
C THR A 60 11.65 6.67 -8.89
N ASP A 61 10.99 7.81 -8.72
CA ASP A 61 10.82 8.83 -9.76
C ASP A 61 12.04 9.77 -9.69
N GLU A 62 13.06 9.45 -10.48
CA GLU A 62 14.40 10.04 -10.35
C GLU A 62 14.74 11.20 -11.29
N HIS A 63 13.88 11.48 -12.26
CA HIS A 63 14.08 12.62 -13.18
C HIS A 63 13.31 13.84 -12.71
N GLY A 64 13.54 14.95 -13.41
CA GLY A 64 12.81 16.20 -13.16
C GLY A 64 13.70 17.31 -12.66
N GLN A 65 13.13 18.51 -12.68
CA GLN A 65 13.78 19.72 -12.16
C GLN A 65 13.82 19.66 -10.66
N LYS A 66 12.77 19.09 -10.07
CA LYS A 66 12.68 18.90 -8.64
C LYS A 66 13.83 18.04 -8.06
N ILE A 67 14.24 16.98 -8.78
CA ILE A 67 15.42 16.17 -8.38
C ILE A 67 16.70 16.94 -8.63
N GLN A 68 16.71 17.65 -9.75
CA GLN A 68 17.86 18.44 -10.15
C GLN A 68 18.14 19.56 -9.15
N GLU A 69 17.06 20.07 -8.57
CA GLU A 69 17.13 21.08 -7.52
C GLU A 69 17.54 20.52 -6.17
N LYS A 70 17.09 19.31 -5.85
CA LYS A 70 17.43 18.69 -4.56
C LYS A 70 18.84 18.18 -4.48
N ALA A 71 19.39 17.86 -5.64
CA ALA A 71 20.80 17.53 -5.77
C ALA A 71 21.63 18.81 -5.66
N GLN A 72 21.06 19.92 -6.11
CA GLN A 72 21.69 21.23 -6.01
C GLN A 72 21.64 21.69 -4.55
N LYS A 73 20.43 21.59 -3.99
CA LYS A 73 20.15 21.89 -2.59
C LYS A 73 21.09 21.15 -1.63
N ALA A 74 21.40 19.90 -1.94
CA ALA A 74 22.43 19.14 -1.22
C ALA A 74 23.81 19.25 -1.88
N GLY A 75 24.06 20.36 -2.59
CA GLY A 75 25.32 20.65 -3.30
C GLY A 75 26.05 19.47 -3.91
N LYS A 76 25.40 18.81 -4.87
CA LYS A 76 25.92 17.56 -5.41
C LYS A 76 25.40 17.27 -6.82
N THR A 77 26.13 16.40 -7.52
CA THR A 77 25.74 15.85 -8.82
C THR A 77 24.45 15.02 -8.73
N GLU A 78 23.90 14.70 -9.91
CA GLU A 78 22.55 14.09 -10.02
C GLU A 78 22.64 12.62 -9.60
N ILE A 79 23.49 11.87 -10.29
CA ILE A 79 23.59 10.42 -10.14
C ILE A 79 24.25 9.97 -8.82
N GLU A 80 25.12 10.81 -8.24
CA GLU A 80 25.72 10.53 -6.93
C GLU A 80 24.71 10.71 -5.81
N TYR A 81 23.99 11.83 -5.85
CA TYR A 81 22.87 12.10 -4.93
C TYR A 81 21.85 10.97 -4.92
N LEU A 82 21.45 10.53 -6.10
CA LEU A 82 20.40 9.50 -6.25
C LEU A 82 20.83 8.14 -5.70
N ASP A 83 22.00 7.67 -6.12
CA ASP A 83 22.56 6.39 -5.64
C ASP A 83 22.54 6.27 -4.12
N GLU A 84 22.94 7.33 -3.45
CA GLU A 84 22.91 7.45 -1.99
C GLU A 84 21.48 7.39 -1.44
N MET A 85 20.56 8.10 -2.08
CA MET A 85 19.14 8.12 -1.67
C MET A 85 18.41 6.80 -1.92
N ILE A 86 18.67 6.18 -3.07
CA ILE A 86 18.06 4.89 -3.44
C ILE A 86 18.52 3.76 -2.50
N ALA A 87 19.78 3.80 -2.07
CA ALA A 87 20.31 2.86 -1.09
C ALA A 87 19.50 2.89 0.21
N GLY A 88 19.26 4.09 0.72
CA GLY A 88 18.45 4.31 1.92
C GLY A 88 17.01 3.83 1.81
N ILE A 89 16.42 3.99 0.62
CA ILE A 89 15.04 3.54 0.35
C ILE A 89 14.94 2.02 0.29
N LYS A 90 15.89 1.38 -0.39
CA LYS A 90 15.96 -0.09 -0.44
C LYS A 90 16.22 -0.71 0.94
N GLN A 91 17.07 -0.04 1.73
CA GLN A 91 17.32 -0.43 3.12
C GLN A 91 16.08 -0.32 4.00
N LEU A 92 15.25 0.69 3.76
CA LEU A 92 13.99 0.86 4.49
C LEU A 92 12.98 -0.24 4.16
N TRP A 93 12.81 -0.56 2.89
CA TRP A 93 11.92 -1.65 2.46
C TRP A 93 12.43 -3.02 2.92
N ALA A 94 13.75 -3.18 3.00
CA ALA A 94 14.36 -4.37 3.62
C ALA A 94 13.99 -4.47 5.10
N LYS A 95 14.20 -3.37 5.83
CA LYS A 95 13.83 -3.28 7.26
C LYS A 95 12.33 -3.45 7.51
N LEU A 96 11.49 -3.00 6.57
CA LEU A 96 10.04 -3.21 6.64
C LEU A 96 9.58 -4.59 6.12
N GLU A 97 10.51 -5.34 5.52
CA GLU A 97 10.27 -6.68 4.98
C GLU A 97 9.16 -6.68 3.93
N ILE A 98 9.31 -5.75 2.99
CA ILE A 98 8.36 -5.55 1.90
C ILE A 98 8.64 -6.66 0.89
N SER A 99 7.59 -7.38 0.48
CA SER A 99 7.71 -8.50 -0.46
C SER A 99 7.50 -8.03 -1.91
N ASN A 100 8.14 -6.92 -2.25
CA ASN A 100 8.10 -6.37 -3.61
C ASN A 100 8.97 -7.24 -4.53
N ASP A 101 8.41 -7.61 -5.67
CA ASP A 101 9.07 -8.51 -6.61
C ASP A 101 10.13 -7.83 -7.48
N ASP A 102 10.10 -6.50 -7.53
CA ASP A 102 11.05 -5.72 -8.33
C ASP A 102 11.08 -4.28 -7.83
N PHE A 103 12.15 -3.57 -8.18
CA PHE A 103 12.34 -2.16 -7.87
C PHE A 103 12.73 -1.41 -9.15
N ILE A 104 11.77 -0.66 -9.71
CA ILE A 104 11.99 0.09 -10.95
C ILE A 104 12.56 1.49 -10.68
N ARG A 105 13.61 1.85 -11.41
CA ARG A 105 14.22 3.17 -11.35
C ARG A 105 14.12 3.81 -12.73
N THR A 106 13.65 5.05 -12.79
CA THR A 106 13.49 5.74 -14.08
C THR A 106 14.82 6.05 -14.77
N THR A 107 15.90 6.12 -13.99
CA THR A 107 17.28 6.22 -14.54
C THR A 107 17.78 4.96 -15.28
N GLU A 108 17.16 3.80 -15.05
CA GLU A 108 17.56 2.56 -15.72
C GLU A 108 17.16 2.59 -17.20
N GLU A 109 18.04 2.03 -18.04
CA GLU A 109 17.83 1.94 -19.50
C GLU A 109 16.55 1.20 -19.88
N ARG A 110 16.22 0.14 -19.13
CA ARG A 110 14.99 -0.62 -19.34
C ARG A 110 13.71 0.22 -19.22
N HIS A 111 13.75 1.26 -18.38
CA HIS A 111 12.68 2.25 -18.32
C HIS A 111 12.82 3.29 -19.42
N LYS A 112 13.99 3.93 -19.48
CA LYS A 112 14.29 5.02 -20.43
C LYS A 112 13.99 4.68 -21.88
N HIS A 113 14.44 3.51 -22.31
CA HIS A 113 14.20 3.01 -23.68
C HIS A 113 12.71 2.97 -24.02
N VAL A 114 11.88 2.56 -23.07
CA VAL A 114 10.44 2.45 -23.26
C VAL A 114 9.78 3.83 -23.34
N VAL A 115 10.27 4.78 -22.52
CA VAL A 115 9.79 6.16 -22.54
C VAL A 115 10.10 6.82 -23.88
N GLU A 116 11.35 6.67 -24.32
CA GLU A 116 11.80 7.11 -25.66
C GLU A 116 10.95 6.50 -26.78
N GLN A 117 10.66 5.21 -26.65
CA GLN A 117 9.84 4.47 -27.63
C GLN A 117 8.42 5.01 -27.71
N VAL A 118 7.78 5.12 -26.54
CA VAL A 118 6.43 5.67 -26.41
C VAL A 118 6.34 7.09 -26.98
N PHE A 119 7.33 7.93 -26.67
CA PHE A 119 7.33 9.33 -27.09
C PHE A 119 7.47 9.49 -28.61
N GLU A 120 8.37 8.71 -29.21
CA GLU A 120 8.54 8.67 -30.67
C GLU A 120 7.32 8.07 -31.38
N ARG A 121 6.62 7.15 -30.71
CA ARG A 121 5.38 6.58 -31.25
C ARG A 121 4.28 7.64 -31.32
N LEU A 122 4.08 8.38 -30.23
CA LEU A 122 3.11 9.48 -30.21
C LEU A 122 3.45 10.56 -31.24
N LEU A 123 4.75 10.75 -31.47
CA LEU A 123 5.24 11.67 -32.50
C LEU A 123 4.88 11.18 -33.91
N LYS A 124 5.10 9.90 -34.19
CA LYS A 124 4.73 9.30 -35.48
C LYS A 124 3.22 9.35 -35.76
N GLN A 125 2.42 9.07 -34.74
CA GLN A 125 0.95 9.08 -34.85
C GLN A 125 0.32 10.48 -34.97
N GLY A 126 1.10 11.53 -34.70
CA GLY A 126 0.61 12.90 -34.69
C GLY A 126 -0.05 13.32 -33.38
N ASP A 127 0.03 12.45 -32.36
CA ASP A 127 -0.57 12.72 -31.05
C ASP A 127 0.07 13.91 -30.35
N ILE A 128 1.37 14.09 -30.56
CA ILE A 128 2.12 15.21 -29.99
C ILE A 128 2.66 16.15 -31.08
N TYR A 129 2.75 17.44 -30.76
CA TYR A 129 3.25 18.45 -31.68
C TYR A 129 4.09 19.49 -30.94
N LEU A 130 5.02 20.11 -31.66
CA LEU A 130 5.93 21.10 -31.10
C LEU A 130 5.24 22.45 -30.92
N GLY A 131 5.49 23.10 -29.78
CA GLY A 131 4.92 24.41 -29.48
C GLY A 131 5.65 25.10 -28.35
N GLU A 132 4.99 26.12 -27.77
CA GLU A 132 5.52 26.84 -26.62
C GLU A 132 4.44 27.00 -25.55
N TYR A 133 4.75 26.57 -24.34
CA TYR A 133 3.90 26.82 -23.18
C TYR A 133 4.27 28.16 -22.55
N GLU A 134 3.29 29.05 -22.47
CA GLU A 134 3.44 30.34 -21.79
C GLU A 134 2.40 30.45 -20.68
N GLY A 135 2.87 30.64 -19.45
CA GLY A 135 2.01 30.68 -18.27
C GLY A 135 2.66 31.37 -17.08
N TRP A 136 1.96 31.32 -15.96
CA TRP A 136 2.34 32.03 -14.73
C TRP A 136 2.48 31.06 -13.56
N TYR A 137 3.73 30.78 -13.20
CA TYR A 137 4.03 29.85 -12.12
C TYR A 137 4.17 30.60 -10.80
N SER A 138 3.34 30.23 -9.84
CA SER A 138 3.47 30.71 -8.46
C SER A 138 4.51 29.84 -7.76
N VAL A 139 5.58 30.48 -7.29
CA VAL A 139 6.69 29.77 -6.63
C VAL A 139 6.24 29.07 -5.33
N PRO A 140 5.49 29.77 -4.45
CA PRO A 140 4.96 29.09 -3.26
C PRO A 140 3.83 28.06 -3.51
N ASP A 141 2.84 28.43 -4.31
CA ASP A 141 1.65 27.57 -4.53
C ASP A 141 1.93 26.29 -5.33
N GLU A 142 3.00 26.29 -6.13
CA GLU A 142 3.34 25.17 -7.04
C GLU A 142 2.19 24.81 -7.99
N THR A 143 1.61 25.84 -8.60
CA THR A 143 0.51 25.69 -9.56
C THR A 143 0.60 26.78 -10.62
N TYR A 144 0.35 26.40 -11.87
CA TYR A 144 0.36 27.33 -13.00
C TYR A 144 -0.98 28.08 -13.08
N TYR A 145 -0.94 29.28 -13.64
CA TYR A 145 -2.14 30.11 -13.84
C TYR A 145 -2.11 30.77 -15.22
N THR A 146 -3.30 31.07 -15.74
CA THR A 146 -3.45 31.91 -16.93
C THR A 146 -3.38 33.37 -16.50
N GLU A 147 -3.27 34.28 -17.45
CA GLU A 147 -3.20 35.72 -17.15
C GLU A 147 -4.52 36.26 -16.59
N SER A 148 -5.64 35.73 -17.07
CA SER A 148 -6.98 36.09 -16.58
C SER A 148 -7.23 35.69 -15.11
N GLN A 149 -6.58 34.61 -14.67
CA GLN A 149 -6.67 34.15 -13.27
C GLN A 149 -5.87 34.99 -12.27
N LEU A 150 -4.92 35.79 -12.77
CA LEU A 150 -4.09 36.63 -11.89
C LEU A 150 -4.87 37.76 -11.24
N VAL A 151 -4.48 38.07 -10.00
CA VAL A 151 -5.09 39.13 -9.20
C VAL A 151 -4.15 40.33 -9.18
N ASP A 152 -4.71 41.52 -9.35
CA ASP A 152 -3.95 42.78 -9.41
C ASP A 152 -2.75 42.72 -10.38
N PRO A 153 -3.01 42.42 -11.68
CA PRO A 153 -1.91 42.32 -12.64
C PRO A 153 -1.25 43.66 -12.96
N GLY A 162 4.08 39.46 -12.89
CA GLY A 162 3.06 40.36 -13.42
C GLY A 162 1.65 40.24 -12.83
N GLY A 163 1.56 39.85 -11.56
CA GLY A 163 0.28 39.67 -10.88
C GLY A 163 0.41 38.78 -9.65
N LYS A 164 -0.71 38.58 -8.95
CA LYS A 164 -0.77 37.73 -7.74
C LYS A 164 -1.49 36.42 -8.03
N SER A 165 -1.24 35.42 -7.18
CA SER A 165 -1.97 34.15 -7.23
C SER A 165 -3.40 34.38 -6.71
N PRO A 166 -4.40 33.70 -7.30
CA PRO A 166 -5.74 33.74 -6.70
C PRO A 166 -5.86 32.89 -5.42
N ASP A 167 -5.04 31.85 -5.30
CA ASP A 167 -5.05 30.95 -4.14
C ASP A 167 -4.34 31.56 -2.94
N SER A 168 -3.13 32.08 -3.17
CA SER A 168 -2.35 32.79 -2.13
C SER A 168 -2.23 34.28 -2.48
N GLY A 169 -1.30 34.99 -1.85
CA GLY A 169 -1.01 36.39 -2.16
C GLY A 169 0.35 36.66 -2.78
N HIS A 170 1.13 35.61 -3.03
CA HIS A 170 2.48 35.76 -3.57
C HIS A 170 2.45 36.03 -5.07
N GLU A 171 3.28 36.97 -5.52
CA GLU A 171 3.33 37.34 -6.94
C GLU A 171 4.07 36.28 -7.76
N VAL A 172 3.66 36.14 -9.01
CA VAL A 172 3.99 34.96 -9.85
C VAL A 172 5.21 35.17 -10.75
N GLU A 173 5.83 34.05 -11.13
CA GLU A 173 6.96 34.03 -12.05
C GLU A 173 6.51 33.64 -13.47
N LEU A 174 6.90 34.43 -14.46
CA LEU A 174 6.56 34.20 -15.87
C LEU A 174 7.43 33.07 -16.45
N VAL A 175 6.78 32.09 -17.07
CA VAL A 175 7.45 30.91 -17.65
C VAL A 175 7.07 30.73 -19.12
N LYS A 176 8.05 30.93 -20.01
CA LYS A 176 7.91 30.68 -21.45
C LYS A 176 9.03 29.75 -21.91
N GLU A 177 8.65 28.61 -22.50
CA GLU A 177 9.64 27.67 -23.05
C GLU A 177 9.03 26.71 -24.06
N GLU A 178 9.88 26.18 -24.93
CA GLU A 178 9.47 25.20 -25.95
C GLU A 178 9.00 23.92 -25.26
N SER A 179 7.95 23.31 -25.82
CA SER A 179 7.33 22.14 -25.24
C SER A 179 6.51 21.38 -26.29
N TYR A 180 6.53 20.06 -26.21
CA TYR A 180 5.61 19.22 -26.97
C TYR A 180 4.25 19.21 -26.27
N PHE A 181 3.18 19.11 -27.07
CA PHE A 181 1.81 19.14 -26.56
C PHE A 181 1.03 17.91 -27.04
N PHE A 182 0.31 17.28 -26.12
CA PHE A 182 -0.38 16.01 -26.37
C PHE A 182 -1.89 16.24 -26.52
N ASN A 183 -2.43 15.92 -27.70
CA ASN A 183 -3.86 16.07 -27.99
C ASN A 183 -4.64 14.96 -27.29
N ILE A 184 -5.10 15.28 -26.08
CA ILE A 184 -5.83 14.34 -25.22
C ILE A 184 -7.35 14.45 -25.31
N SER A 185 -7.87 15.56 -25.85
CA SER A 185 -9.31 15.80 -25.96
C SER A 185 -10.05 14.84 -26.88
N LYS A 186 -9.37 14.30 -27.88
CA LYS A 186 -9.97 13.34 -28.82
C LYS A 186 -10.30 11.98 -28.20
N TYR A 187 -9.66 11.65 -27.07
CA TYR A 187 -9.98 10.45 -26.29
C TYR A 187 -11.08 10.65 -25.21
N THR A 188 -11.76 11.79 -25.24
CA THR A 188 -12.80 12.13 -24.27
C THR A 188 -13.96 11.13 -24.24
N ASP A 189 -14.53 10.83 -25.41
CA ASP A 189 -15.69 9.93 -25.50
C ASP A 189 -15.37 8.51 -25.05
N ARG A 190 -14.19 8.01 -25.41
CA ARG A 190 -13.71 6.70 -24.93
C ARG A 190 -13.47 6.68 -23.42
N LEU A 191 -12.95 7.78 -22.89
CA LEU A 191 -12.70 7.91 -21.45
C LEU A 191 -14.00 7.92 -20.65
N LEU A 192 -14.96 8.71 -21.11
CA LEU A 192 -16.29 8.77 -20.49
C LEU A 192 -17.05 7.45 -20.65
N GLU A 193 -16.85 6.79 -21.79
CA GLU A 193 -17.39 5.44 -22.03
C GLU A 193 -16.75 4.40 -21.10
N PHE A 194 -15.45 4.53 -20.86
CA PHE A 194 -14.73 3.67 -19.91
C PHE A 194 -15.24 3.85 -18.47
N TYR A 195 -15.51 5.09 -18.07
CA TYR A 195 -16.09 5.37 -16.73
C TYR A 195 -17.46 4.74 -16.56
N ASP A 196 -18.29 4.82 -17.59
CA ASP A 196 -19.63 4.19 -17.58
C ASP A 196 -19.58 2.66 -17.45
N GLN A 197 -18.64 2.03 -18.15
CA GLN A 197 -18.44 0.58 -18.08
C GLN A 197 -17.78 0.12 -16.76
N ASN A 198 -16.96 0.99 -16.18
CA ASN A 198 -16.25 0.71 -14.92
C ASN A 198 -16.58 1.80 -13.88
N PRO A 199 -17.84 1.83 -13.39
CA PRO A 199 -18.26 2.89 -12.46
C PRO A 199 -17.54 2.89 -11.09
N ASP A 200 -16.98 1.73 -10.72
CA ASP A 200 -16.22 1.59 -9.47
C ASP A 200 -14.69 1.68 -9.66
N PHE A 201 -14.25 2.38 -10.71
CA PHE A 201 -12.82 2.47 -11.08
C PHE A 201 -11.96 3.08 -9.98
N ILE A 202 -12.43 4.19 -9.42
CA ILE A 202 -11.73 4.89 -8.34
C ILE A 202 -12.31 4.46 -6.99
N GLN A 203 -11.45 3.91 -6.13
CA GLN A 203 -11.83 3.47 -4.79
C GLN A 203 -10.94 4.14 -3.72
N PRO A 204 -11.45 4.42 -2.52
CA PRO A 204 -12.88 4.33 -2.19
C PRO A 204 -13.68 5.44 -2.88
N PRO A 205 -15.02 5.31 -2.92
CA PRO A 205 -15.91 6.26 -3.64
C PRO A 205 -15.63 7.75 -3.40
N SER A 206 -15.21 8.11 -2.19
CA SER A 206 -14.85 9.50 -1.85
C SER A 206 -13.71 10.09 -2.70
N ARG A 207 -12.84 9.23 -3.21
CA ARG A 207 -11.67 9.69 -3.98
C ARG A 207 -11.98 10.20 -5.39
N LYS A 208 -13.16 9.88 -5.93
CA LYS A 208 -13.61 10.52 -7.18
C LYS A 208 -14.23 11.91 -6.96
N ASN A 209 -14.19 12.42 -5.73
CA ASN A 209 -14.30 13.86 -5.44
C ASN A 209 -13.05 14.64 -5.89
N GLU A 210 -11.93 13.95 -6.09
CA GLU A 210 -10.73 14.54 -6.72
C GLU A 210 -10.94 14.89 -8.20
N MET A 211 -11.96 14.27 -8.82
CA MET A 211 -12.37 14.55 -10.20
C MET A 211 -13.30 15.76 -10.37
N ILE A 212 -13.49 16.56 -9.32
CA ILE A 212 -14.22 17.84 -9.42
C ILE A 212 -13.35 18.83 -10.21
N ASN A 213 -13.99 19.58 -11.12
CA ASN A 213 -13.32 20.50 -12.04
C ASN A 213 -12.31 19.78 -12.95
N ASN A 214 -12.76 18.68 -13.56
CA ASN A 214 -11.89 17.83 -14.40
C ASN A 214 -11.70 18.31 -15.84
N PHE A 215 -12.54 19.26 -16.28
CA PHE A 215 -12.48 19.85 -17.64
C PHE A 215 -12.74 18.89 -18.82
N ILE A 216 -13.31 17.71 -18.54
CA ILE A 216 -13.54 16.71 -19.60
C ILE A 216 -14.74 17.10 -20.48
N LYS A 217 -15.81 17.56 -19.84
CA LYS A 217 -17.01 18.05 -20.54
C LYS A 217 -16.74 19.31 -21.37
N PRO A 218 -16.25 20.41 -20.73
CA PRO A 218 -15.99 21.64 -21.51
C PRO A 218 -14.82 21.55 -22.51
N GLY A 219 -13.91 20.62 -22.30
CA GLY A 219 -12.83 20.31 -23.26
C GLY A 219 -11.44 20.38 -22.63
N LEU A 220 -10.72 19.25 -22.67
CA LEU A 220 -9.38 19.17 -22.11
C LEU A 220 -8.38 19.88 -23.01
N ALA A 221 -7.61 20.79 -22.43
CA ALA A 221 -6.52 21.47 -23.16
C ALA A 221 -5.40 20.48 -23.43
N ASP A 222 -4.63 20.74 -24.49
CA ASP A 222 -3.49 19.90 -24.86
C ASP A 222 -2.40 20.02 -23.78
N LEU A 223 -1.94 18.86 -23.29
CA LEU A 223 -1.06 18.80 -22.12
C LEU A 223 0.40 18.98 -22.54
N ALA A 224 1.10 19.87 -21.84
CA ALA A 224 2.53 20.11 -22.07
C ALA A 224 3.34 18.93 -21.52
N VAL A 225 3.91 18.13 -22.41
CA VAL A 225 4.56 16.85 -22.06
C VAL A 225 6.08 16.82 -22.28
N SER A 226 6.70 18.00 -22.33
CA SER A 226 8.17 18.10 -22.39
C SER A 226 8.68 19.48 -21.95
N ARG A 227 9.91 19.50 -21.45
CA ARG A 227 10.57 20.72 -20.99
C ARG A 227 11.90 20.94 -21.71
N THR A 228 12.23 22.21 -21.97
CA THR A 228 13.52 22.63 -22.54
C THR A 228 14.37 23.52 -21.59
N SER A 229 13.81 23.91 -20.44
CA SER A 229 14.48 24.81 -19.49
C SER A 229 15.51 24.12 -18.60
N PHE A 230 15.40 22.80 -18.47
CA PHE A 230 16.39 21.96 -17.78
C PHE A 230 16.64 20.70 -18.60
N ASN A 231 17.73 20.01 -18.30
CA ASN A 231 18.20 18.88 -19.12
C ASN A 231 18.32 17.52 -18.41
N TRP A 232 17.93 17.44 -17.14
CA TRP A 232 17.93 16.17 -16.40
C TRP A 232 16.64 15.39 -16.68
N GLY A 233 16.78 14.30 -17.44
CA GLY A 233 15.69 13.37 -17.68
C GLY A 233 15.86 12.56 -18.94
N VAL A 234 14.76 11.97 -19.40
CA VAL A 234 14.75 11.18 -20.63
C VAL A 234 14.70 12.15 -21.81
N HIS A 235 15.78 12.18 -22.59
CA HIS A 235 15.85 13.05 -23.77
C HIS A 235 15.07 12.44 -24.93
N VAL A 236 14.37 13.29 -25.68
CA VAL A 236 13.55 12.86 -26.81
C VAL A 236 14.51 12.55 -27.96
N PRO A 237 14.50 11.30 -28.48
CA PRO A 237 15.44 10.97 -29.57
C PRO A 237 15.39 11.88 -30.80
N SER A 238 14.18 12.29 -31.21
CA SER A 238 14.02 13.21 -32.35
C SER A 238 14.52 14.62 -32.09
N ASN A 239 14.37 15.11 -30.85
CA ASN A 239 14.76 16.47 -30.48
C ASN A 239 15.35 16.48 -29.05
N PRO A 240 16.64 16.12 -28.89
CA PRO A 240 17.29 15.96 -27.57
C PRO A 240 17.36 17.19 -26.66
N LYS A 241 17.18 18.40 -27.22
CA LYS A 241 17.02 19.61 -26.42
C LYS A 241 15.82 19.51 -25.47
N HIS A 242 14.77 18.81 -25.91
CA HIS A 242 13.63 18.48 -25.06
C HIS A 242 13.93 17.28 -24.18
N VAL A 243 13.45 17.36 -22.94
CA VAL A 243 13.43 16.24 -22.01
C VAL A 243 11.96 15.94 -21.74
N VAL A 244 11.62 14.65 -21.63
CA VAL A 244 10.24 14.24 -21.41
C VAL A 244 9.78 14.69 -20.03
N TYR A 245 8.59 15.26 -20.01
CA TYR A 245 8.03 15.79 -18.79
C TYR A 245 7.70 14.67 -17.80
N VAL A 246 8.05 14.98 -16.55
CA VAL A 246 8.13 14.05 -15.43
C VAL A 246 6.94 13.10 -15.22
N TRP A 247 5.73 13.56 -15.50
CA TRP A 247 4.54 12.73 -15.29
C TRP A 247 4.29 11.64 -16.30
N ILE A 248 4.62 11.86 -17.57
CA ILE A 248 4.44 10.77 -18.55
C ILE A 248 5.62 9.80 -18.38
N ASP A 249 6.80 10.35 -18.11
CA ASP A 249 7.99 9.56 -17.75
C ASP A 249 7.71 8.65 -16.56
N ALA A 250 7.12 9.21 -15.50
CA ALA A 250 6.85 8.46 -14.27
C ALA A 250 5.79 7.38 -14.45
N LEU A 251 4.70 7.69 -15.13
CA LEU A 251 3.60 6.73 -15.35
C LEU A 251 3.97 5.51 -16.19
N VAL A 252 4.97 5.66 -17.07
CA VAL A 252 5.49 4.54 -17.89
C VAL A 252 6.08 3.39 -17.03
N ASN A 253 6.54 3.70 -15.82
CA ASN A 253 7.13 2.70 -14.91
C ASN A 253 6.30 1.43 -14.71
N TYR A 254 4.97 1.59 -14.67
CA TYR A 254 4.05 0.47 -14.45
C TYR A 254 4.08 -0.58 -15.56
N ILE A 255 4.36 -0.14 -16.79
CA ILE A 255 4.49 -1.05 -17.96
C ILE A 255 5.94 -1.35 -18.39
N SER A 256 6.86 -0.43 -18.14
CA SER A 256 8.28 -0.62 -18.50
C SER A 256 9.00 -1.68 -17.66
N ALA A 257 8.64 -1.77 -16.38
CA ALA A 257 9.17 -2.81 -15.49
C ALA A 257 8.71 -4.24 -15.85
N LEU A 258 7.61 -4.35 -16.61
CA LEU A 258 7.15 -5.63 -17.15
C LEU A 258 7.69 -5.95 -18.56
N GLY A 259 8.64 -5.14 -19.04
CA GLY A 259 9.29 -5.37 -20.33
C GLY A 259 8.45 -5.05 -21.56
N TYR A 260 7.56 -4.05 -21.44
CA TYR A 260 6.76 -3.57 -22.59
C TYR A 260 7.70 -2.92 -23.62
N LEU A 261 7.50 -3.27 -24.89
CA LEU A 261 8.37 -2.87 -26.02
C LEU A 261 9.84 -3.32 -25.91
N SER A 262 10.08 -4.40 -25.16
CA SER A 262 11.39 -5.05 -25.12
C SER A 262 11.29 -6.37 -25.87
N ASP A 263 12.41 -7.07 -25.97
CA ASP A 263 12.45 -8.37 -26.66
C ASP A 263 11.83 -9.53 -25.86
N ASP A 264 11.56 -9.30 -24.57
CA ASP A 264 10.74 -10.23 -23.76
C ASP A 264 9.62 -9.46 -23.08
N GLU A 265 8.40 -9.64 -23.58
CA GLU A 265 7.19 -9.02 -23.03
C GLU A 265 6.34 -10.00 -22.19
N SER A 266 6.96 -11.08 -21.70
CA SER A 266 6.24 -12.15 -21.00
C SER A 266 5.61 -11.68 -19.68
N LEU A 267 6.31 -10.84 -18.93
CA LEU A 267 5.75 -10.23 -17.71
C LEU A 267 4.59 -9.28 -18.01
N PHE A 268 4.72 -8.51 -19.09
CA PHE A 268 3.66 -7.56 -19.49
C PHE A 268 2.36 -8.26 -19.86
N ASN A 269 2.44 -9.29 -20.70
CA ASN A 269 1.26 -10.07 -21.11
C ASN A 269 0.71 -10.98 -20.00
N LYS A 270 1.54 -11.29 -19.01
CA LYS A 270 1.13 -12.06 -17.83
C LYS A 270 0.39 -11.21 -16.80
N TYR A 271 0.90 -10.02 -16.53
CA TYR A 271 0.43 -9.17 -15.41
C TYR A 271 -0.41 -7.94 -15.78
N TRP A 272 -0.15 -7.31 -16.93
CA TRP A 272 -0.98 -6.18 -17.40
C TRP A 272 -2.30 -6.73 -17.98
N PRO A 273 -3.47 -6.09 -17.71
CA PRO A 273 -3.63 -4.85 -16.95
C PRO A 273 -3.54 -5.01 -15.43
N ALA A 274 -3.09 -3.94 -14.76
CA ALA A 274 -2.89 -3.95 -13.31
C ALA A 274 -4.23 -3.98 -12.58
N ASP A 275 -4.31 -4.84 -11.56
CA ASP A 275 -5.52 -4.95 -10.75
C ASP A 275 -5.71 -3.74 -9.86
N ILE A 276 -4.63 -3.27 -9.24
CA ILE A 276 -4.66 -2.08 -8.38
C ILE A 276 -3.43 -1.21 -8.62
N HIS A 277 -3.66 0.09 -8.84
CA HIS A 277 -2.65 1.12 -8.65
C HIS A 277 -2.95 1.79 -7.31
N LEU A 278 -2.03 1.64 -6.36
CA LEU A 278 -2.16 2.23 -5.02
C LEU A 278 -1.49 3.61 -4.99
N MET A 279 -2.06 4.54 -4.23
CA MET A 279 -1.55 5.92 -4.12
C MET A 279 -2.23 6.69 -2.98
N ALA A 280 -1.79 7.93 -2.77
CA ALA A 280 -2.57 8.91 -1.99
C ALA A 280 -3.43 9.75 -2.92
N LYS A 281 -4.42 10.42 -2.33
CA LYS A 281 -5.49 11.11 -3.08
C LYS A 281 -5.03 12.18 -4.10
N GLU A 282 -3.91 12.84 -3.83
CA GLU A 282 -3.45 13.96 -4.67
C GLU A 282 -2.98 13.62 -6.10
N ILE A 283 -2.82 12.32 -6.41
CA ILE A 283 -2.44 11.89 -7.76
C ILE A 283 -3.49 10.95 -8.40
N VAL A 284 -4.73 11.03 -7.92
CA VAL A 284 -5.88 10.32 -8.53
C VAL A 284 -6.17 10.87 -9.92
N ARG A 285 -6.19 12.20 -10.05
CA ARG A 285 -6.44 12.87 -11.34
C ARG A 285 -5.46 12.45 -12.43
N PHE A 286 -4.18 12.43 -12.08
CA PHE A 286 -3.12 11.98 -13.00
C PHE A 286 -3.30 10.51 -13.41
N HIS A 287 -3.64 9.66 -12.44
CA HIS A 287 -3.85 8.22 -12.68
C HIS A 287 -5.22 7.86 -13.31
N SER A 288 -6.18 8.78 -13.25
CA SER A 288 -7.55 8.54 -13.76
C SER A 288 -7.88 9.23 -15.10
N ILE A 289 -7.17 10.29 -15.44
CA ILE A 289 -7.38 11.03 -16.71
C ILE A 289 -6.22 10.79 -17.67
N ILE A 290 -5.01 11.17 -17.27
CA ILE A 290 -3.83 11.15 -18.15
C ILE A 290 -3.37 9.73 -18.48
N TRP A 291 -3.38 8.85 -17.48
CA TRP A 291 -2.82 7.51 -17.62
C TRP A 291 -3.67 6.59 -18.53
N PRO A 292 -5.02 6.60 -18.39
CA PRO A 292 -5.85 5.88 -19.36
C PRO A 292 -5.79 6.41 -20.79
N ILE A 293 -5.70 7.73 -20.94
CA ILE A 293 -5.57 8.37 -22.28
C ILE A 293 -4.24 8.00 -22.95
N LEU A 294 -3.17 7.97 -22.18
CA LEU A 294 -1.86 7.52 -22.69
C LEU A 294 -1.91 6.05 -23.12
N LEU A 295 -2.52 5.21 -22.30
CA LEU A 295 -2.75 3.79 -22.62
C LEU A 295 -3.62 3.59 -23.86
N MET A 296 -4.66 4.41 -24.00
CA MET A 296 -5.49 4.44 -25.21
C MET A 296 -4.70 4.80 -26.46
N ALA A 297 -3.81 5.79 -26.33
CA ALA A 297 -2.93 6.21 -27.43
C ALA A 297 -1.95 5.12 -27.87
N LEU A 298 -1.58 4.23 -26.94
CA LEU A 298 -0.75 3.05 -27.23
C LEU A 298 -1.57 1.78 -27.53
N ASP A 299 -2.89 1.91 -27.55
CA ASP A 299 -3.83 0.80 -27.78
C ASP A 299 -3.64 -0.34 -26.77
N LEU A 300 -3.45 0.04 -25.50
CA LEU A 300 -3.21 -0.92 -24.41
C LEU A 300 -4.43 -1.00 -23.49
N PRO A 301 -4.65 -2.17 -22.83
CA PRO A 301 -5.73 -2.28 -21.86
C PRO A 301 -5.54 -1.36 -20.66
N LEU A 302 -6.65 -0.85 -20.11
CA LEU A 302 -6.62 0.11 -19.02
C LEU A 302 -6.55 -0.61 -17.67
N PRO A 303 -6.04 0.08 -16.63
CA PRO A 303 -6.01 -0.53 -15.30
C PRO A 303 -7.40 -0.86 -14.77
N LYS A 304 -7.46 -1.87 -13.91
CA LYS A 304 -8.73 -2.35 -13.38
C LYS A 304 -9.29 -1.40 -12.32
N LYS A 305 -8.40 -0.97 -11.42
CA LYS A 305 -8.82 -0.20 -10.24
C LYS A 305 -7.72 0.76 -9.78
N VAL A 306 -8.15 1.92 -9.27
CA VAL A 306 -7.28 2.90 -8.61
C VAL A 306 -7.72 2.98 -7.15
N PHE A 307 -6.82 2.60 -6.24
CA PHE A 307 -7.05 2.72 -4.79
C PHE A 307 -6.21 3.84 -4.22
N ALA A 308 -6.87 4.88 -3.71
CA ALA A 308 -6.21 6.08 -3.19
C ALA A 308 -6.57 6.31 -1.72
N HIS A 309 -5.55 6.45 -0.87
CA HIS A 309 -5.74 6.69 0.56
C HIS A 309 -5.51 8.16 0.92
N GLY A 310 -5.75 8.50 2.20
CA GLY A 310 -5.56 9.86 2.70
C GLY A 310 -4.13 10.15 3.14
N TRP A 311 -3.95 11.31 3.74
CA TRP A 311 -2.66 11.77 4.22
C TRP A 311 -2.47 11.57 5.70
N ILE A 312 -1.26 11.34 6.09
CA ILE A 312 -0.90 11.36 7.45
C ILE A 312 -0.58 12.86 7.65
N LEU A 313 -1.09 13.41 8.72
CA LEU A 313 -0.88 14.79 9.02
C LEU A 313 -0.08 14.95 10.25
N MET A 314 0.31 16.17 10.51
CA MET A 314 1.02 16.47 11.72
C MET A 314 0.30 17.53 12.53
N LYS A 315 0.88 18.71 12.62
CA LYS A 315 0.28 19.83 13.31
C LYS A 315 0.31 21.04 12.39
N ASP A 316 1.01 20.92 11.26
CA ASP A 316 1.16 21.93 10.28
C ASP A 316 0.81 21.38 8.92
N GLY A 317 -0.13 20.45 8.86
CA GLY A 317 -0.61 19.85 7.64
C GLY A 317 -0.05 18.52 7.23
N LYS A 318 -0.32 18.15 6.01
CA LYS A 318 0.19 16.92 5.44
C LYS A 318 1.72 16.72 5.56
N MET A 319 2.12 15.55 6.03
CA MET A 319 3.52 15.15 6.09
C MET A 319 4.18 15.31 4.72
N SER A 320 5.25 16.09 4.69
CA SER A 320 5.92 16.47 3.44
C SER A 320 7.42 16.26 3.55
N LYS A 321 7.98 15.67 2.51
CA LYS A 321 9.40 15.29 2.48
C LYS A 321 10.30 16.48 2.11
N SER A 322 9.79 17.40 1.28
CA SER A 322 10.48 18.64 0.95
C SER A 322 10.37 19.69 2.07
N LYS A 323 9.25 19.68 2.80
CA LYS A 323 9.02 20.58 3.93
C LYS A 323 9.85 20.17 5.14
N GLY A 324 9.76 18.90 5.52
CA GLY A 324 10.50 18.34 6.66
C GLY A 324 9.69 18.13 7.95
N ASN A 325 8.39 18.39 7.89
CA ASN A 325 7.45 18.08 8.99
C ASN A 325 7.14 16.57 9.07
N VAL A 326 8.15 15.77 9.39
CA VAL A 326 8.12 14.32 9.17
C VAL A 326 8.38 13.47 10.41
N VAL A 327 7.95 12.21 10.34
CA VAL A 327 8.36 11.16 11.26
C VAL A 327 9.09 10.12 10.42
N ASP A 328 10.35 9.87 10.77
CA ASP A 328 11.18 8.87 10.10
C ASP A 328 10.74 7.48 10.57
N PRO A 329 10.34 6.59 9.64
CA PRO A 329 9.94 5.23 10.07
C PRO A 329 11.07 4.37 10.65
N ASN A 330 12.32 4.69 10.31
CA ASN A 330 13.48 4.04 10.94
C ASN A 330 13.51 4.23 12.46
N ILE A 331 13.08 5.41 12.92
CA ILE A 331 12.98 5.71 14.36
C ILE A 331 11.99 4.76 15.05
N LEU A 332 10.83 4.56 14.44
CA LEU A 332 9.79 3.69 14.99
C LEU A 332 10.15 2.20 14.94
N ILE A 333 10.79 1.78 13.85
CA ILE A 333 11.24 0.38 13.69
C ILE A 333 12.36 0.04 14.67
N ASP A 334 13.35 0.93 14.79
CA ASP A 334 14.50 0.72 15.70
C ASP A 334 14.08 0.60 17.16
N ARG A 335 13.17 1.47 17.60
CA ARG A 335 12.74 1.54 19.00
C ARG A 335 11.70 0.48 19.39
N TYR A 336 10.67 0.30 18.56
CA TYR A 336 9.53 -0.57 18.89
C TYR A 336 9.42 -1.88 18.09
N GLY A 337 10.19 -2.02 17.03
CA GLY A 337 10.15 -3.21 16.18
C GLY A 337 9.26 -3.06 14.98
N LEU A 338 9.34 -4.05 14.09
CA LEU A 338 8.68 -4.02 12.79
C LEU A 338 7.16 -4.21 12.87
N ASP A 339 6.72 -5.18 13.67
CA ASP A 339 5.29 -5.49 13.80
C ASP A 339 4.49 -4.33 14.38
N ALA A 340 5.02 -3.69 15.41
CA ALA A 340 4.40 -2.52 16.03
C ALA A 340 4.26 -1.36 15.04
N THR A 341 5.28 -1.18 14.20
CA THR A 341 5.29 -0.14 13.18
C THR A 341 4.25 -0.43 12.09
N ARG A 342 4.29 -1.65 11.56
CA ARG A 342 3.33 -2.08 10.52
C ARG A 342 1.88 -2.08 11.02
N TYR A 343 1.66 -2.56 12.24
CA TYR A 343 0.32 -2.59 12.84
C TYR A 343 -0.26 -1.21 13.06
N TYR A 344 0.54 -0.31 13.62
CA TYR A 344 0.11 1.06 13.90
C TYR A 344 -0.42 1.76 12.64
N LEU A 345 0.36 1.70 11.57
CA LEU A 345 0.02 2.37 10.31
C LEU A 345 -1.29 1.87 9.73
N MET A 346 -1.46 0.55 9.67
CA MET A 346 -2.65 -0.07 9.10
C MET A 346 -3.90 0.09 9.99
N ARG A 347 -3.72 0.00 11.31
CA ARG A 347 -4.85 0.06 12.26
C ARG A 347 -5.29 1.49 12.59
N GLU A 348 -4.34 2.35 12.97
CA GLU A 348 -4.66 3.70 13.46
C GLU A 348 -5.11 4.67 12.37
N LEU A 349 -4.62 4.50 11.15
CA LEU A 349 -4.83 5.45 10.05
C LEU A 349 -5.67 4.81 8.95
N PRO A 350 -7.01 5.02 8.97
CA PRO A 350 -7.86 4.34 7.98
C PRO A 350 -7.60 4.77 6.54
N PHE A 351 -7.88 3.87 5.60
CA PHE A 351 -7.65 4.11 4.18
C PHE A 351 -8.48 5.28 3.65
N GLY A 352 -9.74 5.37 4.11
CA GLY A 352 -10.69 6.38 3.62
C GLY A 352 -10.68 7.77 4.23
N SER A 353 -9.66 8.10 5.03
CA SER A 353 -9.54 9.45 5.60
C SER A 353 -8.09 9.83 5.90
N ASP A 354 -7.89 11.08 6.30
CA ASP A 354 -6.61 11.57 6.79
C ASP A 354 -6.48 11.24 8.28
N GLY A 355 -5.25 11.27 8.79
CA GLY A 355 -4.98 10.94 10.20
C GLY A 355 -3.73 11.60 10.77
N VAL A 356 -3.80 12.00 12.03
CA VAL A 356 -2.68 12.67 12.71
C VAL A 356 -1.83 11.62 13.44
N PHE A 357 -0.51 11.71 13.28
CA PHE A 357 0.42 10.90 14.06
C PHE A 357 0.62 11.54 15.44
N THR A 358 0.57 10.70 16.47
CA THR A 358 0.95 11.09 17.83
C THR A 358 1.72 9.93 18.46
N PRO A 359 2.79 10.22 19.23
CA PRO A 359 3.44 9.13 20.00
C PRO A 359 2.56 8.43 21.04
N GLU A 360 1.49 9.10 21.50
CA GLU A 360 0.52 8.52 22.45
C GLU A 360 -0.23 7.33 21.84
N ALA A 361 -0.83 7.56 20.68
CA ALA A 361 -1.57 6.52 19.95
C ALA A 361 -0.70 5.31 19.59
N PHE A 362 0.57 5.55 19.30
CA PHE A 362 1.51 4.49 18.94
C PHE A 362 1.75 3.48 20.07
N VAL A 363 2.05 3.98 21.26
CA VAL A 363 2.33 3.09 22.40
C VAL A 363 1.06 2.39 22.89
N GLU A 364 -0.08 3.07 22.79
CA GLU A 364 -1.38 2.48 23.12
C GLU A 364 -1.75 1.32 22.19
N ARG A 365 -1.56 1.51 20.89
CA ARG A 365 -1.75 0.43 19.91
C ARG A 365 -0.78 -0.72 20.16
N THR A 366 0.48 -0.38 20.40
CA THR A 366 1.53 -1.36 20.68
C THR A 366 1.23 -2.19 21.93
N ASN A 367 0.95 -1.50 23.04
CA ASN A 367 0.79 -2.17 24.34
C ASN A 367 -0.59 -2.82 24.53
N PHE A 368 -1.67 -2.13 24.17
CA PHE A 368 -3.03 -2.64 24.43
C PHE A 368 -3.46 -3.71 23.45
N ASP A 369 -3.28 -3.46 22.15
CA ASP A 369 -3.73 -4.41 21.13
C ASP A 369 -2.78 -5.60 20.98
N LEU A 370 -1.48 -5.33 20.79
CA LEU A 370 -0.50 -6.39 20.50
C LEU A 370 -0.04 -7.13 21.76
N ALA A 371 0.60 -6.40 22.68
CA ALA A 371 1.19 -7.01 23.87
C ALA A 371 0.16 -7.59 24.84
N ASN A 372 -0.92 -6.85 25.09
CA ASN A 372 -1.98 -7.30 25.98
C ASN A 372 -2.95 -8.28 25.30
N ASP A 373 -3.89 -7.78 24.50
CA ASP A 373 -4.96 -8.63 23.94
C ASP A 373 -4.45 -9.93 23.31
N LEU A 374 -3.50 -9.80 22.38
CA LEU A 374 -2.95 -10.97 21.68
C LEU A 374 -1.90 -11.70 22.53
N GLY A 375 -0.95 -10.96 23.09
CA GLY A 375 0.15 -11.55 23.86
C GLY A 375 -0.25 -12.24 25.16
N ASN A 376 -1.19 -11.66 25.90
CA ASN A 376 -1.73 -12.30 27.11
C ASN A 376 -2.47 -13.58 26.75
N LEU A 377 -3.33 -13.51 25.74
CA LEU A 377 -4.10 -14.67 25.27
C LEU A 377 -3.23 -15.89 24.97
N VAL A 378 -2.14 -15.67 24.25
CA VAL A 378 -1.19 -16.74 23.91
C VAL A 378 -0.52 -17.30 25.15
N ASN A 379 -0.02 -16.41 26.02
CA ASN A 379 0.62 -16.81 27.27
C ASN A 379 -0.34 -17.57 28.19
N ARG A 380 -1.56 -17.06 28.34
CA ARG A 380 -2.60 -17.72 29.15
C ARG A 380 -2.89 -19.14 28.69
N THR A 381 -3.08 -19.29 27.38
CA THR A 381 -3.45 -20.57 26.75
C THR A 381 -2.33 -21.60 26.90
N ILE A 382 -1.10 -21.21 26.57
CA ILE A 382 0.06 -22.12 26.68
C ILE A 382 0.35 -22.47 28.14
N SER A 383 0.24 -21.48 29.03
CA SER A 383 0.40 -21.70 30.47
C SER A 383 -0.57 -22.74 31.01
N MET A 384 -1.83 -22.67 30.58
CA MET A 384 -2.86 -23.64 31.01
C MET A 384 -2.71 -25.03 30.37
N VAL A 385 -2.29 -25.09 29.11
CA VAL A 385 -2.00 -26.36 28.43
C VAL A 385 -0.81 -27.08 29.10
N ASN A 386 0.20 -26.30 29.51
CA ASN A 386 1.35 -26.84 30.26
C ASN A 386 0.96 -27.28 31.68
N LYS A 387 0.13 -26.48 32.34
CA LYS A 387 -0.28 -26.76 33.73
C LYS A 387 -1.19 -27.98 33.85
N TYR A 388 -2.22 -28.05 33.01
CA TYR A 388 -3.28 -29.08 33.14
C TYR A 388 -3.05 -30.38 32.36
N PHE A 389 -2.34 -30.30 31.23
CA PHE A 389 -2.06 -31.49 30.40
C PHE A 389 -0.58 -31.78 30.15
N ASP A 390 0.31 -31.10 30.88
CA ASP A 390 1.77 -31.25 30.72
C ASP A 390 2.26 -30.89 29.30
N GLY A 391 1.57 -29.97 28.65
CA GLY A 391 1.90 -29.52 27.28
C GLY A 391 1.17 -30.24 26.17
N GLU A 392 0.46 -31.32 26.50
CA GLU A 392 -0.18 -32.20 25.51
C GLU A 392 -1.62 -31.75 25.23
N LEU A 393 -1.78 -30.93 24.19
CA LEU A 393 -3.09 -30.39 23.79
C LEU A 393 -4.00 -31.52 23.30
N PRO A 394 -5.17 -31.73 23.93
CA PRO A 394 -6.11 -32.70 23.39
C PRO A 394 -6.71 -32.25 22.07
N ALA A 395 -6.96 -33.21 21.18
CA ALA A 395 -7.50 -32.94 19.84
C ALA A 395 -8.89 -32.32 19.88
N TYR A 396 -9.19 -31.52 18.86
CA TYR A 396 -10.54 -30.98 18.66
C TYR A 396 -11.50 -32.13 18.33
N GLN A 397 -12.62 -32.17 19.05
CA GLN A 397 -13.68 -33.15 18.82
C GLN A 397 -14.90 -32.48 18.19
N GLY A 398 -15.41 -31.46 18.87
CA GLY A 398 -16.57 -30.69 18.39
C GLY A 398 -16.88 -29.53 19.33
N PRO A 399 -18.03 -28.85 19.12
CA PRO A 399 -18.47 -27.76 19.99
C PRO A 399 -19.13 -28.29 21.27
N LEU A 400 -18.31 -28.86 22.14
CA LEU A 400 -18.82 -29.59 23.31
C LEU A 400 -19.34 -28.68 24.42
N HIS A 401 -18.75 -27.50 24.57
CA HIS A 401 -19.22 -26.48 25.51
C HIS A 401 -20.40 -25.74 24.88
N GLU A 402 -21.30 -25.23 25.70
CA GLU A 402 -22.54 -24.57 25.24
C GLU A 402 -22.34 -23.28 24.44
N LEU A 403 -21.22 -22.60 24.66
CA LEU A 403 -20.86 -21.36 23.96
C LEU A 403 -20.09 -21.59 22.66
N ASP A 404 -19.64 -22.81 22.41
CA ASP A 404 -18.76 -23.12 21.26
C ASP A 404 -19.42 -22.88 19.91
N GLU A 405 -20.70 -23.23 19.78
CA GLU A 405 -21.40 -23.12 18.49
C GLU A 405 -21.48 -21.68 17.97
N GLU A 406 -21.81 -20.75 18.86
CA GLU A 406 -21.81 -19.32 18.56
C GLU A 406 -20.39 -18.79 18.27
N MET A 407 -19.42 -19.22 19.06
CA MET A 407 -18.03 -18.75 18.91
C MET A 407 -17.39 -19.26 17.62
N GLU A 408 -17.65 -20.53 17.27
CA GLU A 408 -17.20 -21.08 15.99
C GLU A 408 -17.85 -20.37 14.81
N ALA A 409 -19.14 -20.02 14.96
CA ALA A 409 -19.85 -19.22 13.95
C ALA A 409 -19.27 -17.80 13.82
N MET A 410 -18.91 -17.21 14.95
CA MET A 410 -18.24 -15.89 14.97
C MET A 410 -16.90 -15.91 14.24
N ALA A 411 -16.13 -17.00 14.41
CA ALA A 411 -14.86 -17.19 13.73
C ALA A 411 -15.01 -17.19 12.20
N LEU A 412 -16.03 -17.89 11.72
CA LEU A 412 -16.34 -17.93 10.28
C LEU A 412 -16.79 -16.57 9.76
N GLU A 413 -17.65 -15.89 10.53
CA GLU A 413 -18.07 -14.52 10.17
C GLU A 413 -16.92 -13.51 10.24
N THR A 414 -15.98 -13.71 11.16
CA THR A 414 -14.77 -12.87 11.23
C THR A 414 -13.98 -12.95 9.92
N VAL A 415 -13.76 -14.17 9.42
CA VAL A 415 -13.05 -14.38 8.14
C VAL A 415 -13.80 -13.75 6.95
N LYS A 416 -15.12 -13.91 6.93
CA LYS A 416 -15.95 -13.35 5.85
C LYS A 416 -15.93 -11.82 5.87
N SER A 417 -16.12 -11.23 7.05
CA SER A 417 -16.08 -9.77 7.24
C SER A 417 -14.70 -9.21 6.90
N TYR A 418 -13.67 -9.86 7.43
CA TYR A 418 -12.27 -9.59 7.08
C TYR A 418 -12.07 -9.54 5.55
N THR A 419 -12.58 -10.56 4.86
CA THR A 419 -12.47 -10.64 3.40
C THR A 419 -13.09 -9.42 2.70
N GLU A 420 -14.34 -9.12 3.04
CA GLU A 420 -15.05 -7.93 2.50
C GLU A 420 -14.24 -6.64 2.69
N SER A 421 -13.73 -6.46 3.91
CA SER A 421 -12.88 -5.30 4.23
C SER A 421 -11.57 -5.27 3.45
N MET A 422 -10.95 -6.44 3.29
CA MET A 422 -9.67 -6.55 2.57
C MET A 422 -9.80 -6.34 1.06
N GLU A 423 -10.90 -6.81 0.46
CA GLU A 423 -11.16 -6.59 -0.98
C GLU A 423 -11.39 -5.11 -1.33
N SER A 424 -11.95 -4.35 -0.38
CA SER A 424 -12.11 -2.89 -0.53
C SER A 424 -11.00 -2.08 0.17
N LEU A 425 -9.94 -2.75 0.60
CA LEU A 425 -8.74 -2.13 1.21
C LEU A 425 -8.99 -1.31 2.49
N GLN A 426 -10.03 -1.65 3.23
CA GLN A 426 -10.31 -1.04 4.53
C GLN A 426 -9.50 -1.80 5.59
N PHE A 427 -8.22 -1.47 5.69
CA PHE A 427 -7.26 -2.22 6.53
C PHE A 427 -7.55 -2.10 8.03
N SER A 428 -7.91 -0.89 8.48
CA SER A 428 -8.25 -0.66 9.89
C SER A 428 -9.52 -1.39 10.32
N VAL A 429 -10.49 -1.47 9.41
CA VAL A 429 -11.76 -2.17 9.68
C VAL A 429 -11.54 -3.69 9.78
N ALA A 430 -10.68 -4.22 8.91
CA ALA A 430 -10.31 -5.65 8.94
C ALA A 430 -9.62 -6.03 10.25
N LEU A 431 -8.61 -5.24 10.63
CA LEU A 431 -7.89 -5.44 11.89
C LEU A 431 -8.78 -5.23 13.12
N SER A 432 -9.66 -4.23 13.06
CA SER A 432 -10.65 -3.99 14.12
C SER A 432 -11.58 -5.20 14.31
N THR A 433 -11.98 -5.81 13.19
CA THR A 433 -12.82 -7.01 13.19
C THR A 433 -12.07 -8.23 13.76
N VAL A 434 -10.80 -8.38 13.38
CA VAL A 434 -9.94 -9.43 13.93
C VAL A 434 -9.78 -9.26 15.45
N TRP A 435 -9.67 -8.02 15.92
CA TRP A 435 -9.46 -7.75 17.35
C TRP A 435 -10.68 -7.99 18.24
N LYS A 436 -11.88 -7.83 17.67
CA LYS A 436 -13.11 -8.24 18.36
C LYS A 436 -13.14 -9.74 18.62
N PHE A 437 -12.60 -10.52 17.68
CA PHE A 437 -12.49 -11.97 17.84
C PHE A 437 -11.45 -12.36 18.90
N ILE A 438 -10.31 -11.65 18.90
CA ILE A 438 -9.26 -11.83 19.92
C ILE A 438 -9.78 -11.53 21.33
N SER A 439 -10.53 -10.43 21.46
CA SER A 439 -11.10 -10.02 22.75
C SER A 439 -12.13 -11.03 23.27
N ARG A 440 -12.95 -11.55 22.37
CA ARG A 440 -13.95 -12.57 22.71
C ARG A 440 -13.30 -13.89 23.16
N THR A 441 -12.14 -14.22 22.59
CA THR A 441 -11.36 -15.40 23.00
C THR A 441 -10.76 -15.24 24.39
N ASN A 442 -10.38 -14.00 24.74
CA ASN A 442 -9.97 -13.68 26.12
C ASN A 442 -11.16 -13.82 27.07
N LYS A 443 -12.32 -13.30 26.68
CA LYS A 443 -13.55 -13.46 27.46
C LYS A 443 -14.05 -14.91 27.56
N TYR A 444 -13.74 -15.72 26.54
CA TYR A 444 -14.04 -17.17 26.56
C TYR A 444 -13.34 -17.90 27.70
N ILE A 445 -12.11 -17.50 28.01
CA ILE A 445 -11.39 -18.02 29.19
C ILE A 445 -12.12 -17.64 30.48
N ASP A 446 -12.48 -16.36 30.60
CA ASP A 446 -13.15 -15.83 31.80
C ASP A 446 -14.44 -16.58 32.11
N GLU A 447 -15.27 -16.77 31.10
CA GLU A 447 -16.60 -17.38 31.27
C GLU A 447 -16.63 -18.92 31.27
N THR A 448 -15.61 -19.58 30.74
CA THR A 448 -15.49 -21.05 30.84
C THR A 448 -14.85 -21.49 32.17
N THR A 449 -13.92 -20.68 32.68
CA THR A 449 -13.20 -20.94 33.95
C THR A 449 -12.51 -22.31 33.97
N PRO A 450 -11.47 -22.50 33.12
CA PRO A 450 -10.79 -23.80 33.00
C PRO A 450 -10.22 -24.35 34.32
N TRP A 451 -9.62 -23.46 35.10
CA TRP A 451 -9.13 -23.77 36.46
C TRP A 451 -10.15 -24.49 37.36
N VAL A 452 -11.43 -24.11 37.26
CA VAL A 452 -12.51 -24.79 38.00
C VAL A 452 -12.82 -26.17 37.43
N LEU A 453 -12.90 -26.25 36.09
CA LEU A 453 -13.03 -27.54 35.38
C LEU A 453 -11.92 -28.52 35.74
N ALA A 454 -10.69 -28.01 35.84
CA ALA A 454 -9.50 -28.81 36.14
C ALA A 454 -9.53 -29.51 37.51
N LYS A 455 -10.25 -28.96 38.47
CA LYS A 455 -10.41 -29.57 39.79
C LYS A 455 -11.18 -30.91 39.73
N ASP A 456 -12.26 -30.93 38.96
CA ASP A 456 -13.05 -32.15 38.74
C ASP A 456 -12.35 -33.03 37.69
N ASP A 457 -12.04 -34.27 38.06
CA ASP A 457 -11.49 -35.26 37.11
C ASP A 457 -12.50 -35.65 36.04
N SER A 458 -13.79 -35.63 36.38
CA SER A 458 -14.86 -35.95 35.45
C SER A 458 -15.13 -34.88 34.37
N GLN A 459 -14.48 -33.72 34.47
CA GLN A 459 -14.59 -32.63 33.49
C GLN A 459 -13.33 -32.47 32.61
N LYS A 460 -12.54 -33.53 32.48
CA LYS A 460 -11.29 -33.49 31.70
C LYS A 460 -11.52 -33.27 30.21
N ASP A 461 -12.59 -33.86 29.67
CA ASP A 461 -12.97 -33.70 28.27
C ASP A 461 -13.34 -32.27 27.94
N MET A 462 -14.20 -31.69 28.79
CA MET A 462 -14.61 -30.29 28.63
C MET A 462 -13.41 -29.35 28.75
N LEU A 463 -12.52 -29.61 29.70
CA LEU A 463 -11.30 -28.85 29.84
C LEU A 463 -10.43 -28.95 28.58
N GLY A 464 -10.31 -30.16 28.04
CA GLY A 464 -9.63 -30.39 26.77
C GLY A 464 -10.25 -29.65 25.60
N ASN A 465 -11.58 -29.73 25.51
CA ASN A 465 -12.36 -28.99 24.51
C ASN A 465 -12.13 -27.48 24.57
N VAL A 466 -12.07 -26.94 25.77
CA VAL A 466 -11.85 -25.49 25.98
C VAL A 466 -10.46 -25.07 25.51
N MET A 467 -9.43 -25.82 25.90
CA MET A 467 -8.05 -25.57 25.44
C MET A 467 -7.95 -25.66 23.92
N ALA A 468 -8.60 -26.67 23.34
CA ALA A 468 -8.64 -26.87 21.89
C ALA A 468 -9.27 -25.70 21.13
N HIS A 469 -10.33 -25.12 21.69
CA HIS A 469 -10.98 -23.93 21.12
C HIS A 469 -10.11 -22.68 21.22
N LEU A 470 -9.40 -22.53 22.34
CA LEU A 470 -8.48 -21.41 22.53
C LEU A 470 -7.36 -21.44 21.48
N VAL A 471 -6.75 -22.62 21.31
CA VAL A 471 -5.66 -22.79 20.34
C VAL A 471 -6.14 -22.58 18.90
N GLU A 472 -7.34 -23.07 18.59
CA GLU A 472 -7.91 -22.88 17.24
C GLU A 472 -8.27 -21.42 16.99
N ASN A 473 -8.88 -20.75 17.98
CA ASN A 473 -9.14 -19.30 17.90
C ASN A 473 -7.86 -18.49 17.66
N ILE A 474 -6.79 -18.84 18.35
CA ILE A 474 -5.48 -18.18 18.18
C ILE A 474 -4.93 -18.40 16.77
N ARG A 475 -5.04 -19.63 16.27
CA ARG A 475 -4.62 -19.97 14.90
C ARG A 475 -5.35 -19.14 13.85
N TYR A 476 -6.67 -18.94 14.03
CA TYR A 476 -7.47 -18.10 13.14
C TYR A 476 -6.90 -16.68 13.05
N ALA A 477 -6.64 -16.08 14.21
CA ALA A 477 -6.04 -14.74 14.30
C ALA A 477 -4.67 -14.67 13.63
N ALA A 478 -3.81 -15.64 13.92
CA ALA A 478 -2.44 -15.70 13.39
C ALA A 478 -2.41 -15.76 11.87
N VAL A 479 -3.25 -16.62 11.28
CA VAL A 479 -3.38 -16.74 9.82
C VAL A 479 -3.85 -15.43 9.21
N LEU A 480 -4.88 -14.82 9.79
CA LEU A 480 -5.41 -13.54 9.32
C LEU A 480 -4.42 -12.37 9.44
N LEU A 481 -3.49 -12.45 10.38
CA LEU A 481 -2.46 -11.43 10.57
C LEU A 481 -1.17 -11.63 9.75
N ARG A 482 -1.05 -12.76 9.04
CA ARG A 482 0.13 -13.03 8.21
C ARG A 482 0.44 -11.96 7.15
N PRO A 483 -0.60 -11.41 6.49
CA PRO A 483 -0.37 -10.28 5.58
C PRO A 483 0.12 -9.00 6.27
N PHE A 484 -0.31 -8.78 7.52
CA PHE A 484 0.00 -7.56 8.28
C PHE A 484 1.34 -7.64 9.01
N LEU A 485 1.52 -8.70 9.79
CA LEU A 485 2.70 -8.89 10.64
C LEU A 485 3.53 -10.08 10.17
N THR A 486 4.85 -9.87 10.07
CA THR A 486 5.77 -10.86 9.50
C THR A 486 6.46 -11.78 10.53
N HIS A 487 6.60 -11.32 11.77
CA HIS A 487 7.28 -12.07 12.84
C HIS A 487 6.34 -12.77 13.82
N ALA A 488 5.37 -12.02 14.35
CA ALA A 488 4.52 -12.50 15.46
C ALA A 488 3.64 -13.73 15.15
N PRO A 489 2.99 -13.77 13.97
CA PRO A 489 2.24 -14.99 13.61
C PRO A 489 3.13 -16.23 13.52
N LYS A 490 4.30 -16.08 12.90
CA LYS A 490 5.31 -17.14 12.83
C LYS A 490 5.73 -17.61 14.23
N GLU A 491 5.98 -16.65 15.13
CA GLU A 491 6.33 -16.93 16.52
C GLU A 491 5.19 -17.68 17.25
N ILE A 492 3.94 -17.31 16.97
CA ILE A 492 2.76 -18.00 17.52
C ILE A 492 2.64 -19.45 17.02
N PHE A 493 2.90 -19.68 15.74
CA PHE A 493 2.89 -21.04 15.18
C PHE A 493 3.97 -21.94 15.81
N GLU A 494 5.12 -21.34 16.10
CA GLU A 494 6.25 -22.07 16.72
C GLU A 494 5.98 -22.50 18.17
N GLN A 495 5.39 -21.61 18.96
CA GLN A 495 5.06 -21.90 20.37
C GLN A 495 3.91 -22.90 20.51
N LEU A 496 2.87 -22.73 19.70
CA LEU A 496 1.76 -23.69 19.63
C LEU A 496 2.16 -25.01 18.94
N ASN A 497 3.22 -24.95 18.15
CA ASN A 497 3.81 -26.10 17.45
C ASN A 497 2.90 -26.56 16.29
N ILE A 498 2.48 -25.58 15.50
CA ILE A 498 1.80 -25.80 14.23
C ILE A 498 2.86 -25.69 13.15
N ASN A 499 3.34 -26.84 12.66
CA ASN A 499 4.38 -26.90 11.64
C ASN A 499 3.83 -26.98 10.22
N ASN A 500 2.73 -27.70 10.05
CA ASN A 500 2.10 -27.92 8.73
C ASN A 500 1.78 -26.57 8.06
N PRO A 501 2.36 -26.33 6.85
CA PRO A 501 2.02 -25.13 6.07
C PRO A 501 0.54 -25.01 5.70
N GLN A 502 -0.17 -26.13 5.59
CA GLN A 502 -1.62 -26.14 5.36
C GLN A 502 -2.41 -25.39 6.44
N PHE A 503 -2.02 -25.57 7.71
CA PHE A 503 -2.65 -24.88 8.84
C PHE A 503 -2.31 -23.39 8.96
N MET A 504 -1.45 -22.89 8.08
CA MET A 504 -1.11 -21.46 7.99
C MET A 504 -1.83 -20.71 6.85
N GLU A 505 -2.61 -21.43 6.03
CA GLU A 505 -3.29 -20.85 4.86
C GLU A 505 -4.75 -20.49 5.14
N PHE A 506 -5.31 -19.65 4.27
CA PHE A 506 -6.71 -19.19 4.39
C PHE A 506 -7.73 -20.31 4.25
N SER A 507 -7.43 -21.28 3.37
CA SER A 507 -8.34 -22.42 3.12
C SER A 507 -8.61 -23.28 4.36
N SER A 508 -7.65 -23.37 5.27
CA SER A 508 -7.81 -24.11 6.53
C SER A 508 -8.75 -23.42 7.54
N LEU A 509 -9.09 -22.15 7.31
CA LEU A 509 -10.10 -21.42 8.09
C LEU A 509 -11.55 -21.62 7.61
N GLU A 510 -11.75 -22.32 6.49
CA GLU A 510 -13.09 -22.51 5.91
C GLU A 510 -14.02 -23.35 6.78
N GLN A 511 -13.45 -24.21 7.61
CA GLN A 511 -14.21 -24.99 8.60
C GLN A 511 -13.43 -25.18 9.89
N TYR A 512 -14.08 -24.86 11.00
CA TYR A 512 -13.46 -24.84 12.33
C TYR A 512 -13.12 -26.24 12.81
N GLY A 513 -11.98 -26.38 13.48
CA GLY A 513 -11.59 -27.64 14.12
C GLY A 513 -10.52 -28.42 13.38
N VAL A 514 -9.45 -27.73 13.04
CA VAL A 514 -8.36 -28.26 12.21
C VAL A 514 -7.52 -29.33 12.93
N LEU A 515 -7.24 -29.12 14.22
CA LEU A 515 -6.29 -29.96 14.98
C LEU A 515 -6.96 -31.16 15.65
N ASN A 516 -7.23 -32.19 14.84
CA ASN A 516 -7.87 -33.44 15.34
C ASN A 516 -6.90 -34.60 15.70
N GLU A 517 -5.61 -34.27 15.80
CA GLU A 517 -4.62 -35.11 16.50
C GLU A 517 -4.02 -34.26 17.62
N SER A 518 -3.61 -34.90 18.71
CA SER A 518 -3.02 -34.19 19.85
C SER A 518 -1.68 -33.55 19.50
N ILE A 519 -1.42 -32.39 20.10
CA ILE A 519 -0.21 -31.60 19.84
C ILE A 519 0.55 -31.34 21.14
N MET A 520 1.88 -31.34 21.04
CA MET A 520 2.76 -30.90 22.12
C MET A 520 3.11 -29.43 21.90
N VAL A 521 2.68 -28.57 22.81
CA VAL A 521 3.04 -27.14 22.76
C VAL A 521 4.40 -26.91 23.41
N THR A 522 4.91 -25.68 23.30
CA THR A 522 6.23 -25.33 23.87
C THR A 522 6.26 -25.40 25.40
N GLY A 523 7.41 -25.80 25.93
CA GLY A 523 7.66 -25.88 27.37
C GLY A 523 8.10 -24.56 27.99
N GLN A 524 8.85 -23.78 27.21
CA GLN A 524 9.31 -22.45 27.62
C GLN A 524 8.63 -21.38 26.76
N PRO A 525 7.38 -20.99 27.11
CA PRO A 525 6.69 -19.97 26.33
C PRO A 525 7.27 -18.57 26.55
N LYS A 526 7.98 -18.07 25.53
CA LYS A 526 8.51 -16.70 25.56
C LYS A 526 7.39 -15.70 25.26
N PRO A 527 7.62 -14.41 25.53
CA PRO A 527 6.65 -13.40 25.08
C PRO A 527 6.67 -13.22 23.57
N ILE A 528 5.48 -13.11 22.98
CA ILE A 528 5.34 -12.78 21.55
C ILE A 528 5.73 -11.31 21.38
N PHE A 529 5.26 -10.48 22.31
CA PHE A 529 5.63 -9.06 22.42
C PHE A 529 5.64 -8.32 21.08
N PRO A 530 4.51 -8.33 20.35
CA PRO A 530 4.48 -7.67 19.05
C PRO A 530 4.26 -6.16 19.18
PG ATP B . 6.98 16.39 -1.45
O1G ATP B . 6.51 16.71 -0.18
O2G ATP B . 8.31 16.05 -1.64
O3G ATP B . 6.59 17.33 -2.38
PB ATP B . 5.77 13.79 -1.06
O1B ATP B . 4.40 13.75 -1.50
O2B ATP B . 6.11 13.88 0.35
O3B ATP B . 6.31 15.05 -1.86
PA ATP B . 6.02 11.93 -3.22
O1A ATP B . 5.48 13.16 -3.75
O2A ATP B . 7.04 11.29 -3.96
O3A ATP B . 6.30 12.43 -1.72
O5' ATP B . 5.01 10.70 -3.28
C5' ATP B . 3.63 10.84 -3.10
C4' ATP B . 3.10 9.53 -2.68
O4' ATP B . 3.76 9.23 -1.48
C3' ATP B . 1.65 9.65 -2.31
O3' ATP B . 0.75 9.48 -3.36
C2' ATP B . 1.62 8.64 -1.25
O2' ATP B . 1.76 7.39 -1.80
C1' ATP B . 2.90 8.79 -0.51
N9 ATP B . 2.81 9.84 0.49
C8 ATP B . 3.55 10.91 0.57
N7 ATP B . 3.21 11.65 1.57
C5 ATP B . 2.23 11.06 2.18
C6 ATP B . 1.38 11.28 3.36
N6 ATP B . 1.48 12.33 4.12
N1 ATP B . 0.47 10.36 3.59
C2 ATP B . 0.30 9.30 2.86
N3 ATP B . 1.01 9.07 1.83
C4 ATP B . 1.97 9.87 1.46
C1 EDO C . -3.87 6.73 5.69
O1 EDO C . -5.04 6.80 4.85
C2 EDO C . -3.62 8.09 6.34
O2 EDO C . -4.81 8.59 6.98
C1 EDO D . 2.10 -6.49 -26.62
O1 EDO D . 2.70 -7.39 -25.67
C2 EDO D . 2.48 -5.05 -26.27
O2 EDO D . 3.37 -4.46 -27.23
#